data_6BW2
#
_entry.id   6BW2
#
_cell.length_a   39.284
_cell.length_b   134.369
_cell.length_c   96.561
_cell.angle_alpha   90.00
_cell.angle_beta   90.04
_cell.angle_gamma   90.00
#
_symmetry.space_group_name_H-M   'P 1 21 1'
#
loop_
_entity.id
_entity.type
_entity.pdbx_description
1 polymer 'Induced myeloid leukemia cell differentiation protein Mcl-1'
2 non-polymer '3-({11-[3-(4-chloro-3,5-dimethylphenoxy)propyl]-1-oxo-7-(1,3,5-trimethyl-1H-pyrazol-4-yl)-4,5-dihydro-1H-[1,4]diazepino[1,2-a]indol-2(3H)-yl}methyl)benzoic acid'
3 water water
#
_entity_poly.entity_id   1
_entity_poly.type   'polypeptide(L)'
_entity_poly.pdbx_seq_one_letter_code
;ADDELYRQSLEIISRYLREQATGAKDTKPMGRSGATSRKALETLRRVGDGVQRNHETAFQGMLRKLDIKNEDDVKSLSRV
MIHVFSDGVTNWGRIVTLISFGAFVAKHLKTINQESCIEPLAESITDVLVRTKRDWLVKQRGWDGFVEFFHVEDLEGG
;
_entity_poly.pdbx_strand_id   A,B,C,D
#
# COMPACT_ATOMS: atom_id res chain seq x y z
N ASP A 3 5.28 9.92 -37.85
CA ASP A 3 4.55 9.24 -36.77
C ASP A 3 4.89 7.76 -36.76
N GLU A 4 5.56 7.31 -35.71
CA GLU A 4 5.96 5.92 -35.54
C GLU A 4 4.99 5.14 -34.67
N LEU A 5 4.44 5.78 -33.64
CA LEU A 5 3.38 5.16 -32.85
C LEU A 5 2.26 4.62 -33.74
N TYR A 6 1.93 5.34 -34.81
CA TYR A 6 0.99 4.80 -35.78
C TYR A 6 1.54 3.51 -36.41
N ARG A 7 2.82 3.51 -36.76
CA ARG A 7 3.39 2.33 -37.41
C ARG A 7 3.50 1.16 -36.45
N GLN A 8 3.93 1.42 -35.21
CA GLN A 8 4.04 0.35 -34.22
C GLN A 8 2.67 -0.23 -33.90
N SER A 9 1.70 0.63 -33.60
CA SER A 9 0.36 0.17 -33.32
C SER A 9 -0.24 -0.59 -34.50
N LEU A 10 -0.14 -0.02 -35.71
CA LEU A 10 -0.67 -0.68 -36.88
C LEU A 10 -0.08 -2.07 -37.07
N GLU A 11 1.23 -2.20 -36.84
CA GLU A 11 1.88 -3.51 -37.00
C GLU A 11 1.33 -4.50 -35.99
N ILE A 12 1.21 -4.10 -34.72
CA ILE A 12 0.66 -4.98 -33.70
C ILE A 12 -0.76 -5.39 -34.07
N ILE A 13 -1.61 -4.41 -34.42
CA ILE A 13 -3.00 -4.71 -34.73
C ILE A 13 -3.10 -5.58 -35.97
N SER A 14 -2.30 -5.27 -37.00
CA SER A 14 -2.32 -6.08 -38.22
C SER A 14 -1.96 -7.53 -37.92
N ARG A 15 -0.83 -7.75 -37.23
CA ARG A 15 -0.37 -9.12 -37.01
C ARG A 15 -1.35 -9.91 -36.15
N TYR A 16 -1.97 -9.27 -35.17
CA TYR A 16 -2.94 -9.97 -34.33
C TYR A 16 -4.21 -10.31 -35.11
N LEU A 17 -4.73 -9.34 -35.87
CA LEU A 17 -5.93 -9.58 -36.66
C LEU A 17 -5.71 -10.68 -37.69
N ARG A 18 -4.63 -10.56 -38.47
CA ARG A 18 -4.35 -11.58 -39.48
C ARG A 18 -4.11 -12.94 -38.84
N GLU A 19 -3.42 -12.98 -37.71
CA GLU A 19 -3.20 -14.23 -37.00
C GLU A 19 -4.52 -14.83 -36.51
N GLN A 20 -5.42 -13.98 -35.99
CA GLN A 20 -6.75 -14.45 -35.62
C GLN A 20 -7.52 -14.94 -36.84
N ALA A 21 -7.45 -14.18 -37.94
CA ALA A 21 -8.19 -14.53 -39.14
C ALA A 21 -7.66 -15.83 -39.76
N THR A 22 -6.35 -16.01 -39.78
CA THR A 22 -5.73 -17.13 -40.47
C THR A 22 -5.37 -18.30 -39.56
N GLY A 23 -4.89 -18.02 -38.34
CA GLY A 23 -4.48 -19.06 -37.43
C GLY A 23 -2.98 -19.33 -37.37
N ALA A 24 -2.21 -18.76 -38.29
CA ALA A 24 -0.77 -18.93 -38.28
C ALA A 24 -0.11 -17.82 -37.47
N LYS A 25 0.88 -18.19 -36.66
CA LYS A 25 1.56 -17.20 -35.82
C LYS A 25 2.63 -16.41 -36.58
N ASP A 26 2.51 -16.33 -37.91
CA ASP A 26 3.32 -15.57 -38.85
C ASP A 26 4.83 -15.61 -38.65
N THR A 27 5.57 -15.84 -39.73
CA THR A 27 7.02 -15.74 -39.68
C THR A 27 7.43 -14.27 -39.79
N LYS A 28 8.42 -13.99 -40.63
CA LYS A 28 8.83 -12.64 -41.00
C LYS A 28 9.43 -11.86 -39.83
N PRO A 29 10.31 -10.90 -40.09
CA PRO A 29 10.89 -10.12 -39.00
C PRO A 29 9.87 -9.13 -38.49
N MET A 30 9.93 -8.87 -37.19
CA MET A 30 9.00 -7.94 -36.55
C MET A 30 9.52 -6.50 -36.57
N GLY A 31 10.02 -6.09 -37.74
CA GLY A 31 10.52 -4.73 -37.93
C GLY A 31 11.47 -4.27 -36.86
N ARG A 32 11.29 -3.02 -36.43
CA ARG A 32 12.07 -2.41 -35.36
C ARG A 32 11.20 -2.24 -34.12
N SER A 33 11.88 -2.12 -32.98
CA SER A 33 11.22 -2.08 -31.66
C SER A 33 10.33 -3.30 -31.43
N GLY A 34 10.73 -4.43 -32.02
CA GLY A 34 9.91 -5.62 -32.01
C GLY A 34 9.62 -6.17 -30.62
N ALA A 35 10.49 -5.89 -29.65
CA ALA A 35 10.37 -6.53 -28.34
C ALA A 35 9.07 -6.16 -27.64
N THR A 36 8.82 -4.86 -27.46
CA THR A 36 7.54 -4.42 -26.91
C THR A 36 6.38 -4.90 -27.75
N SER A 37 6.51 -4.82 -29.08
CA SER A 37 5.42 -5.25 -29.96
C SER A 37 5.19 -6.76 -29.90
N ARG A 38 6.25 -7.53 -29.62
CA ARG A 38 6.12 -8.99 -29.64
C ARG A 38 5.26 -9.48 -28.47
N LYS A 39 5.45 -8.89 -27.30
CA LYS A 39 4.73 -9.35 -26.12
C LYS A 39 3.38 -8.66 -25.94
N ALA A 40 3.16 -7.51 -26.60
CA ALA A 40 1.80 -7.00 -26.74
C ALA A 40 0.97 -7.91 -27.64
N LEU A 41 1.56 -8.39 -28.74
CA LEU A 41 0.91 -9.40 -29.56
C LEU A 41 0.69 -10.67 -28.76
N GLU A 42 1.71 -11.07 -28.00
CA GLU A 42 1.57 -12.21 -27.10
C GLU A 42 0.53 -11.93 -26.03
N THR A 43 0.50 -10.69 -25.53
CA THR A 43 -0.56 -10.28 -24.62
C THR A 43 -1.93 -10.39 -25.29
N LEU A 44 -2.03 -9.95 -26.55
CA LEU A 44 -3.29 -10.05 -27.29
C LEU A 44 -3.74 -11.49 -27.45
N ARG A 45 -2.79 -12.41 -27.70
CA ARG A 45 -3.13 -13.82 -27.80
C ARG A 45 -3.78 -14.32 -26.52
N ARG A 46 -3.20 -13.95 -25.37
CA ARG A 46 -3.64 -14.50 -24.10
C ARG A 46 -4.95 -13.87 -23.64
N VAL A 47 -5.11 -12.56 -23.81
CA VAL A 47 -6.24 -11.83 -23.23
C VAL A 47 -7.29 -11.49 -24.28
N GLY A 48 -6.87 -11.02 -25.45
CA GLY A 48 -7.82 -10.54 -26.43
C GLY A 48 -8.85 -11.58 -26.84
N ASP A 49 -8.42 -12.81 -27.08
CA ASP A 49 -9.35 -13.84 -27.53
C ASP A 49 -10.34 -14.20 -26.43
N GLY A 50 -9.92 -14.14 -25.17
CA GLY A 50 -10.86 -14.37 -24.07
C GLY A 50 -11.90 -13.28 -23.94
N VAL A 51 -11.50 -12.04 -24.22
CA VAL A 51 -12.48 -10.94 -24.25
C VAL A 51 -13.55 -11.21 -25.30
N GLN A 52 -13.14 -11.75 -26.46
CA GLN A 52 -14.11 -12.15 -27.48
C GLN A 52 -15.08 -13.20 -26.95
N ARG A 53 -14.58 -14.16 -26.15
CA ARG A 53 -15.48 -15.13 -25.55
C ARG A 53 -16.45 -14.46 -24.59
N ASN A 54 -15.94 -13.53 -23.77
CA ASN A 54 -16.74 -12.89 -22.72
C ASN A 54 -17.73 -11.87 -23.28
N HIS A 55 -17.49 -11.36 -24.49
CA HIS A 55 -18.33 -10.36 -25.12
C HIS A 55 -18.96 -10.89 -26.41
N GLU A 56 -19.27 -12.19 -26.45
CA GLU A 56 -19.70 -12.81 -27.70
C GLU A 56 -21.08 -12.36 -28.18
N THR A 57 -22.01 -12.18 -27.24
CA THR A 57 -23.39 -11.91 -27.65
C THR A 57 -23.52 -10.57 -28.36
N ALA A 58 -23.03 -9.51 -27.74
CA ALA A 58 -23.10 -8.20 -28.37
C ALA A 58 -22.17 -8.09 -29.58
N PHE A 59 -21.08 -8.85 -29.59
CA PHE A 59 -20.20 -8.84 -30.76
C PHE A 59 -20.91 -9.46 -31.97
N GLN A 60 -21.59 -10.59 -31.76
CA GLN A 60 -22.37 -11.18 -32.84
C GLN A 60 -23.50 -10.25 -33.25
N GLY A 61 -24.15 -9.62 -32.28
CA GLY A 61 -25.18 -8.64 -32.58
C GLY A 61 -24.65 -7.47 -33.39
N MET A 62 -23.57 -6.86 -32.92
CA MET A 62 -22.98 -5.74 -33.65
C MET A 62 -22.59 -6.15 -35.05
N LEU A 63 -21.98 -7.34 -35.21
CA LEU A 63 -21.55 -7.80 -36.53
C LEU A 63 -22.73 -7.99 -37.47
N ARG A 64 -23.85 -8.49 -36.94
CA ARG A 64 -25.03 -8.70 -37.78
C ARG A 64 -25.62 -7.38 -38.25
N LYS A 65 -25.62 -6.35 -37.39
CA LYS A 65 -26.20 -5.07 -37.75
C LYS A 65 -25.29 -4.25 -38.66
N LEU A 66 -23.97 -4.39 -38.51
CA LEU A 66 -23.04 -3.64 -39.36
C LEU A 66 -23.28 -3.91 -40.84
N ASP A 67 -23.69 -5.13 -41.19
CA ASP A 67 -23.92 -5.54 -42.57
C ASP A 67 -22.70 -5.25 -43.43
N ILE A 68 -21.65 -6.03 -43.16
CA ILE A 68 -20.38 -5.92 -43.87
C ILE A 68 -20.39 -6.87 -45.06
N LYS A 69 -20.01 -6.37 -46.22
CA LYS A 69 -19.97 -7.17 -47.44
C LYS A 69 -18.67 -7.00 -48.22
N ASN A 70 -18.14 -5.78 -48.32
CA ASN A 70 -16.96 -5.52 -49.12
C ASN A 70 -16.16 -4.39 -48.49
N GLU A 71 -15.23 -3.83 -49.28
CA GLU A 71 -14.34 -2.79 -48.79
C GLU A 71 -15.05 -1.46 -48.63
N ASP A 72 -16.05 -1.19 -49.48
CA ASP A 72 -16.83 0.03 -49.34
C ASP A 72 -17.63 0.05 -48.04
N ASP A 73 -17.88 -1.12 -47.44
CA ASP A 73 -18.46 -1.15 -46.11
C ASP A 73 -17.42 -0.79 -45.06
N VAL A 74 -16.17 -1.20 -45.28
CA VAL A 74 -15.10 -0.92 -44.32
C VAL A 74 -14.89 0.59 -44.20
N LYS A 75 -14.95 1.30 -45.32
CA LYS A 75 -14.72 2.74 -45.27
C LYS A 75 -15.83 3.47 -44.53
N SER A 76 -16.88 2.75 -44.11
CA SER A 76 -17.95 3.32 -43.32
C SER A 76 -17.95 2.81 -41.88
N LEU A 77 -17.17 1.77 -41.57
CA LEU A 77 -17.12 1.26 -40.20
C LEU A 77 -16.42 2.20 -39.24
N SER A 78 -15.61 3.13 -39.75
CA SER A 78 -14.83 3.98 -38.86
C SER A 78 -15.73 4.85 -38.00
N ARG A 79 -16.81 5.36 -38.60
CA ARG A 79 -17.67 6.31 -37.92
C ARG A 79 -18.44 5.64 -36.78
N VAL A 80 -18.82 4.38 -36.97
CA VAL A 80 -19.43 3.62 -35.88
C VAL A 80 -18.37 3.27 -34.85
N MET A 81 -17.17 2.91 -35.32
CA MET A 81 -16.07 2.66 -34.41
C MET A 81 -15.74 3.91 -33.58
N ILE A 82 -15.71 5.08 -34.23
CA ILE A 82 -15.41 6.31 -33.49
C ILE A 82 -16.50 6.61 -32.47
N HIS A 83 -17.75 6.22 -32.75
CA HIS A 83 -18.84 6.54 -31.82
C HIS A 83 -18.80 5.63 -30.60
N VAL A 84 -18.73 4.33 -30.81
CA VAL A 84 -18.77 3.37 -29.71
C VAL A 84 -17.54 3.49 -28.82
N PHE A 85 -16.40 3.82 -29.41
CA PHE A 85 -15.12 3.78 -28.71
C PHE A 85 -14.83 5.06 -27.93
N SER A 86 -15.00 6.22 -28.56
CA SER A 86 -14.55 7.48 -27.99
C SER A 86 -15.47 8.00 -26.87
N ASP A 87 -16.60 7.34 -26.63
CA ASP A 87 -17.52 7.74 -25.57
C ASP A 87 -17.06 7.23 -24.22
N GLY A 88 -16.56 8.12 -23.37
CA GLY A 88 -16.19 7.78 -22.01
C GLY A 88 -14.73 8.09 -21.72
N VAL A 89 -14.18 7.33 -20.78
CA VAL A 89 -12.85 7.58 -20.24
C VAL A 89 -11.92 6.48 -20.74
N THR A 90 -10.63 6.84 -20.88
CA THR A 90 -9.67 5.95 -21.53
C THR A 90 -9.09 4.94 -20.55
N ASN A 91 -9.06 3.69 -20.97
CA ASN A 91 -8.31 2.65 -20.26
C ASN A 91 -7.92 1.59 -21.28
N TRP A 92 -7.06 0.66 -20.84
CA TRP A 92 -6.59 -0.38 -21.75
C TRP A 92 -7.67 -1.41 -22.04
N GLY A 93 -8.63 -1.59 -21.12
CA GLY A 93 -9.73 -2.51 -21.37
C GLY A 93 -10.55 -2.12 -22.59
N ARG A 94 -10.81 -0.82 -22.73
CA ARG A 94 -11.48 -0.32 -23.93
C ARG A 94 -10.67 -0.61 -25.19
N ILE A 95 -9.35 -0.45 -25.09
CA ILE A 95 -8.49 -0.60 -26.27
C ILE A 95 -8.37 -2.07 -26.68
N VAL A 96 -8.23 -2.96 -25.70
CA VAL A 96 -8.19 -4.38 -26.03
C VAL A 96 -9.56 -4.84 -26.52
N THR A 97 -10.63 -4.18 -26.09
CA THR A 97 -11.94 -4.48 -26.63
C THR A 97 -12.04 -4.06 -28.09
N LEU A 98 -11.57 -2.84 -28.40
CA LEU A 98 -11.51 -2.37 -29.78
C LEU A 98 -10.82 -3.38 -30.68
N ILE A 99 -9.62 -3.80 -30.30
CA ILE A 99 -8.84 -4.74 -31.11
C ILE A 99 -9.52 -6.10 -31.14
N SER A 100 -10.17 -6.49 -30.06
CA SER A 100 -10.85 -7.79 -30.01
C SER A 100 -11.95 -7.89 -31.05
N PHE A 101 -12.77 -6.85 -31.19
CA PHE A 101 -13.84 -6.90 -32.19
C PHE A 101 -13.28 -6.79 -33.60
N GLY A 102 -12.16 -6.07 -33.78
CA GLY A 102 -11.48 -6.11 -35.06
C GLY A 102 -11.06 -7.51 -35.46
N ALA A 103 -10.61 -8.31 -34.49
CA ALA A 103 -10.30 -9.70 -34.74
C ALA A 103 -11.56 -10.49 -35.07
N PHE A 104 -12.62 -10.26 -34.29
CA PHE A 104 -13.92 -10.85 -34.59
C PHE A 104 -14.35 -10.54 -36.03
N VAL A 105 -14.24 -9.27 -36.42
CA VAL A 105 -14.58 -8.90 -37.80
C VAL A 105 -13.65 -9.57 -38.79
N ALA A 106 -12.38 -9.74 -38.42
CA ALA A 106 -11.42 -10.34 -39.34
C ALA A 106 -11.73 -11.81 -39.60
N LYS A 107 -12.13 -12.54 -38.56
CA LYS A 107 -12.48 -13.94 -38.74
C LYS A 107 -13.74 -14.08 -39.59
N HIS A 108 -14.71 -13.21 -39.36
CA HIS A 108 -15.90 -13.15 -40.22
C HIS A 108 -15.53 -12.82 -41.67
N LEU A 109 -14.68 -11.81 -41.87
CA LEU A 109 -14.30 -11.42 -43.22
C LEU A 109 -13.72 -12.58 -44.01
N LYS A 110 -12.89 -13.40 -43.36
CA LYS A 110 -12.37 -14.59 -44.03
C LYS A 110 -13.49 -15.55 -44.42
N THR A 111 -14.49 -15.70 -43.55
CA THR A 111 -15.58 -16.63 -43.85
C THR A 111 -16.32 -16.21 -45.12
N ILE A 112 -16.64 -14.92 -45.25
CA ILE A 112 -17.38 -14.44 -46.40
C ILE A 112 -16.42 -14.17 -47.55
N ASN A 113 -15.22 -14.75 -47.47
CA ASN A 113 -14.22 -14.67 -48.52
C ASN A 113 -13.89 -13.21 -48.85
N GLN A 114 -13.51 -12.47 -47.81
CA GLN A 114 -13.14 -11.06 -47.92
C GLN A 114 -11.89 -10.81 -47.09
N GLU A 115 -10.86 -11.62 -47.32
CA GLU A 115 -9.62 -11.50 -46.55
C GLU A 115 -8.83 -10.26 -46.95
N SER A 116 -9.04 -9.75 -48.16
CA SER A 116 -8.32 -8.57 -48.62
C SER A 116 -8.73 -7.30 -47.87
N CYS A 117 -9.85 -7.33 -47.15
CA CYS A 117 -10.35 -6.17 -46.42
C CYS A 117 -9.83 -6.09 -45.00
N ILE A 118 -9.05 -7.08 -44.55
CA ILE A 118 -8.52 -7.05 -43.19
C ILE A 118 -7.50 -5.93 -43.03
N GLU A 119 -6.80 -5.56 -44.11
CA GLU A 119 -5.79 -4.52 -44.00
C GLU A 119 -6.42 -3.14 -43.81
N PRO A 120 -7.44 -2.74 -44.59
CA PRO A 120 -8.12 -1.46 -44.27
C PRO A 120 -8.69 -1.40 -42.87
N LEU A 121 -9.35 -2.48 -42.41
CA LEU A 121 -9.91 -2.52 -41.07
C LEU A 121 -8.86 -2.15 -40.02
N ALA A 122 -7.74 -2.89 -40.00
CA ALA A 122 -6.68 -2.62 -39.04
C ALA A 122 -6.18 -1.19 -39.14
N GLU A 123 -6.05 -0.67 -40.37
CA GLU A 123 -5.66 0.73 -40.55
C GLU A 123 -6.75 1.67 -40.04
N SER A 124 -8.01 1.35 -40.30
CA SER A 124 -9.12 2.12 -39.76
C SER A 124 -9.11 2.07 -38.23
N ILE A 125 -8.94 0.88 -37.67
CA ILE A 125 -8.80 0.73 -36.22
C ILE A 125 -7.62 1.56 -35.72
N THR A 126 -6.46 1.44 -36.38
CA THR A 126 -5.27 2.15 -35.95
C THR A 126 -5.48 3.65 -36.01
N ASP A 127 -6.05 4.15 -37.11
CA ASP A 127 -6.28 5.59 -37.24
C ASP A 127 -7.25 6.09 -36.18
N VAL A 128 -8.30 5.31 -35.89
CA VAL A 128 -9.28 5.71 -34.88
C VAL A 128 -8.62 5.78 -33.50
N LEU A 129 -7.70 4.87 -33.23
CA LEU A 129 -7.08 4.82 -31.90
C LEU A 129 -6.12 5.98 -31.69
N VAL A 130 -5.07 6.09 -32.51
CA VAL A 130 -4.05 7.10 -32.30
C VAL A 130 -4.65 8.50 -32.32
N ARG A 131 -5.40 8.84 -33.38
CA ARG A 131 -5.85 10.21 -33.56
C ARG A 131 -6.78 10.65 -32.44
N THR A 132 -7.31 9.72 -31.66
CA THR A 132 -8.19 10.05 -30.54
C THR A 132 -7.58 9.75 -29.18
N LYS A 133 -6.51 8.95 -29.12
CA LYS A 133 -5.88 8.57 -27.86
C LYS A 133 -4.39 8.84 -27.83
N ARG A 134 -3.87 9.63 -28.78
CA ARG A 134 -2.43 9.83 -28.94
C ARG A 134 -1.75 10.28 -27.64
N ASP A 135 -2.17 11.44 -27.13
CA ASP A 135 -1.57 11.99 -25.92
C ASP A 135 -1.61 11.00 -24.76
N TRP A 136 -2.76 10.36 -24.56
CA TRP A 136 -2.90 9.35 -23.51
C TRP A 136 -1.92 8.20 -23.72
N LEU A 137 -1.83 7.70 -24.95
CA LEU A 137 -0.87 6.64 -25.25
C LEU A 137 0.56 7.08 -24.98
N VAL A 138 0.85 8.37 -25.10
CA VAL A 138 2.20 8.85 -24.79
C VAL A 138 2.43 8.85 -23.29
N LYS A 139 1.43 9.28 -22.52
CA LYS A 139 1.56 9.32 -21.06
C LYS A 139 1.67 7.92 -20.49
N GLN A 140 1.03 6.94 -21.11
CA GLN A 140 1.10 5.55 -20.68
C GLN A 140 2.31 4.83 -21.27
N ARG A 141 3.22 5.56 -21.90
CA ARG A 141 4.41 5.02 -22.57
C ARG A 141 4.04 4.02 -23.68
N GLY A 142 2.83 4.14 -24.22
CA GLY A 142 2.47 3.31 -25.35
C GLY A 142 2.31 1.86 -24.97
N TRP A 143 2.82 0.98 -25.84
CA TRP A 143 2.64 -0.45 -25.72
C TRP A 143 3.45 -1.04 -24.57
N ASP A 144 4.46 -0.33 -24.08
CA ASP A 144 5.15 -0.76 -22.86
C ASP A 144 4.20 -0.76 -21.67
N GLY A 145 3.50 0.34 -21.45
CA GLY A 145 2.49 0.37 -20.41
C GLY A 145 1.34 -0.57 -20.67
N PHE A 146 1.08 -0.87 -21.95
CA PHE A 146 0.12 -1.90 -22.29
C PHE A 146 0.54 -3.25 -21.72
N VAL A 147 1.72 -3.72 -22.11
CA VAL A 147 2.19 -5.04 -21.66
C VAL A 147 2.39 -5.06 -20.15
N GLU A 148 2.97 -3.98 -19.59
CA GLU A 148 3.13 -3.89 -18.15
C GLU A 148 1.79 -4.08 -17.45
N PHE A 149 0.74 -3.46 -17.99
CA PHE A 149 -0.59 -3.60 -17.40
C PHE A 149 -1.05 -5.05 -17.42
N PHE A 150 -0.85 -5.74 -18.54
CA PHE A 150 -1.40 -7.09 -18.75
C PHE A 150 -0.38 -8.19 -18.54
N HIS A 151 0.38 -8.16 -17.45
CA HIS A 151 1.36 -9.21 -17.20
C HIS A 151 0.76 -10.33 -16.35
N VAL A 152 1.29 -11.53 -16.52
CA VAL A 152 0.80 -12.71 -15.81
C VAL A 152 1.96 -13.54 -15.25
N GLU B 4 -12.52 5.54 2.35
CA GLU B 4 -13.50 4.47 2.15
C GLU B 4 -12.90 3.36 1.29
N LEU B 5 -12.16 3.75 0.25
CA LEU B 5 -11.35 2.78 -0.49
C LEU B 5 -10.38 2.07 0.45
N TYR B 6 -9.83 2.82 1.41
CA TYR B 6 -8.98 2.22 2.44
C TYR B 6 -9.74 1.17 3.23
N ARG B 7 -11.01 1.43 3.54
CA ARG B 7 -11.79 0.50 4.35
C ARG B 7 -12.05 -0.80 3.59
N GLN B 8 -12.43 -0.70 2.32
CA GLN B 8 -12.68 -1.90 1.53
C GLN B 8 -11.39 -2.70 1.33
N SER B 9 -10.32 -2.03 0.90
CA SER B 9 -9.05 -2.71 0.70
C SER B 9 -8.56 -3.36 1.99
N LEU B 10 -8.59 -2.61 3.10
CA LEU B 10 -8.18 -3.18 4.38
C LEU B 10 -9.00 -4.41 4.73
N GLU B 11 -10.31 -4.36 4.49
CA GLU B 11 -11.17 -5.50 4.80
C GLU B 11 -10.82 -6.71 3.94
N ILE B 12 -10.68 -6.50 2.63
CA ILE B 12 -10.31 -7.59 1.73
C ILE B 12 -8.95 -8.16 2.11
N ILE B 13 -7.95 -7.28 2.29
CA ILE B 13 -6.59 -7.73 2.58
C ILE B 13 -6.55 -8.44 3.92
N SER B 14 -7.23 -7.90 4.93
CA SER B 14 -7.24 -8.54 6.25
C SER B 14 -7.79 -9.95 6.18
N ARG B 15 -8.96 -10.13 5.56
CA ARG B 15 -9.58 -11.46 5.53
C ARG B 15 -8.74 -12.48 4.80
N TYR B 16 -8.08 -12.08 3.72
CA TYR B 16 -7.26 -13.05 3.00
C TYR B 16 -6.04 -13.43 3.83
N LEU B 17 -5.40 -12.44 4.46
CA LEU B 17 -4.23 -12.72 5.29
C LEU B 17 -4.56 -13.65 6.44
N ARG B 18 -5.66 -13.37 7.16
CA ARG B 18 -6.00 -14.19 8.31
C ARG B 18 -6.54 -15.55 7.89
N GLU B 19 -7.32 -15.59 6.81
CA GLU B 19 -7.75 -16.87 6.26
C GLU B 19 -6.56 -17.75 5.90
N GLN B 20 -5.54 -17.14 5.29
CA GLN B 20 -4.32 -17.87 4.97
C GLN B 20 -3.61 -18.34 6.24
N ALA B 21 -3.53 -17.46 7.24
CA ALA B 21 -2.83 -17.82 8.47
C ALA B 21 -3.53 -18.94 9.22
N THR B 22 -4.87 -18.91 9.27
CA THR B 22 -5.64 -19.85 10.08
C THR B 22 -6.20 -21.03 9.30
N GLY B 23 -6.65 -20.81 8.07
CA GLY B 23 -7.29 -21.84 7.28
C GLY B 23 -8.80 -21.78 7.25
N ALA B 24 -9.41 -20.95 8.09
CA ALA B 24 -10.86 -20.80 8.12
C ALA B 24 -11.30 -19.68 7.18
N LYS B 25 -12.39 -19.94 6.44
CA LYS B 25 -12.86 -18.96 5.46
C LYS B 25 -13.68 -17.84 6.07
N ASP B 26 -14.24 -18.04 7.26
CA ASP B 26 -15.00 -17.01 7.99
C ASP B 26 -16.24 -16.55 7.24
N THR B 27 -17.41 -16.99 7.69
CA THR B 27 -18.68 -16.58 7.09
C THR B 27 -19.19 -15.32 7.80
N LYS B 28 -19.34 -14.25 7.03
CA LYS B 28 -19.79 -12.96 7.57
C LYS B 28 -19.99 -11.96 6.45
N PRO B 29 -20.87 -10.98 6.63
CA PRO B 29 -21.12 -9.99 5.57
C PRO B 29 -19.97 -8.99 5.47
N MET B 30 -19.71 -8.54 4.24
CA MET B 30 -18.66 -7.58 3.96
C MET B 30 -19.22 -6.16 4.02
N GLY B 31 -19.06 -5.51 5.18
CA GLY B 31 -19.49 -4.15 5.47
C GLY B 31 -20.16 -3.33 4.39
N ARG B 32 -19.58 -3.31 3.20
CA ARG B 32 -20.18 -2.63 2.05
C ARG B 32 -19.53 -3.17 0.78
N SER B 33 -20.27 -3.08 -0.33
CA SER B 33 -19.81 -3.62 -1.62
C SER B 33 -19.44 -5.10 -1.50
N GLY B 34 -20.16 -5.83 -0.65
CA GLY B 34 -19.78 -7.18 -0.29
C GLY B 34 -19.60 -8.11 -1.48
N ALA B 35 -20.31 -7.85 -2.58
CA ALA B 35 -20.19 -8.73 -3.74
C ALA B 35 -18.81 -8.61 -4.36
N THR B 36 -18.39 -7.39 -4.70
CA THR B 36 -17.04 -7.16 -5.19
C THR B 36 -15.98 -7.64 -4.20
N SER B 37 -16.19 -7.37 -2.90
CA SER B 37 -15.22 -7.78 -1.90
C SER B 37 -15.14 -9.30 -1.77
N ARG B 38 -16.24 -10.00 -2.04
CA ARG B 38 -16.22 -11.45 -1.92
C ARG B 38 -15.44 -12.10 -3.05
N LYS B 39 -15.68 -11.68 -4.29
CA LYS B 39 -15.02 -12.28 -5.44
C LYS B 39 -13.61 -11.75 -5.66
N ALA B 40 -13.28 -10.59 -5.10
CA ALA B 40 -11.87 -10.22 -4.99
C ALA B 40 -11.14 -11.16 -4.04
N LEU B 41 -11.79 -11.54 -2.94
CA LEU B 41 -11.24 -12.56 -2.03
C LEU B 41 -11.10 -13.89 -2.76
N GLU B 42 -12.10 -14.27 -3.56
CA GLU B 42 -11.99 -15.50 -4.35
C GLU B 42 -10.86 -15.38 -5.36
N THR B 43 -10.71 -14.19 -5.96
CA THR B 43 -9.56 -13.95 -6.82
C THR B 43 -8.26 -14.11 -6.04
N LEU B 44 -8.22 -13.58 -4.81
CA LEU B 44 -7.04 -13.74 -3.96
C LEU B 44 -6.76 -15.21 -3.66
N ARG B 45 -7.81 -15.98 -3.37
CA ARG B 45 -7.62 -17.41 -3.14
C ARG B 45 -6.99 -18.09 -4.35
N ARG B 46 -7.34 -17.62 -5.56
CA ARG B 46 -6.96 -18.34 -6.77
C ARG B 46 -5.56 -17.99 -7.22
N VAL B 47 -5.23 -16.70 -7.28
CA VAL B 47 -3.97 -16.23 -7.86
C VAL B 47 -2.86 -16.20 -6.82
N GLY B 48 -3.15 -15.66 -5.64
CA GLY B 48 -2.12 -15.47 -4.63
C GLY B 48 -1.41 -16.75 -4.24
N ASP B 49 -2.16 -17.84 -4.08
CA ASP B 49 -1.56 -19.09 -3.64
C ASP B 49 -0.59 -19.63 -4.68
N GLY B 50 -0.91 -19.44 -5.97
CA GLY B 50 0.03 -19.82 -7.01
C GLY B 50 1.24 -18.91 -7.07
N VAL B 51 1.04 -17.61 -6.81
CA VAL B 51 2.16 -16.69 -6.72
C VAL B 51 3.11 -17.10 -5.59
N GLN B 52 2.54 -17.47 -4.43
CA GLN B 52 3.37 -17.98 -3.34
C GLN B 52 4.09 -19.26 -3.74
N ARG B 53 3.48 -20.09 -4.60
CA ARG B 53 4.18 -21.28 -5.09
C ARG B 53 5.38 -20.89 -5.95
N ASN B 54 5.28 -19.77 -6.66
CA ASN B 54 6.27 -19.40 -7.66
C ASN B 54 7.42 -18.58 -7.10
N HIS B 55 7.23 -17.89 -5.98
CA HIS B 55 8.26 -17.05 -5.38
C HIS B 55 8.63 -17.49 -3.97
N GLU B 56 8.54 -18.79 -3.69
CA GLU B 56 8.68 -19.25 -2.31
C GLU B 56 10.12 -19.11 -1.81
N THR B 57 11.12 -19.36 -2.67
CA THR B 57 12.50 -19.31 -2.21
C THR B 57 12.91 -17.90 -1.81
N ALA B 58 12.69 -16.92 -2.69
CA ALA B 58 13.04 -15.55 -2.37
C ALA B 58 12.15 -14.99 -1.27
N PHE B 59 10.92 -15.49 -1.15
CA PHE B 59 10.07 -15.09 -0.04
C PHE B 59 10.65 -15.58 1.28
N GLN B 60 11.10 -16.84 1.31
CA GLN B 60 11.76 -17.37 2.49
C GLN B 60 13.05 -16.63 2.80
N GLY B 61 13.83 -16.31 1.76
CA GLY B 61 15.03 -15.51 1.96
C GLY B 61 14.71 -14.14 2.52
N MET B 62 13.77 -13.44 1.89
CA MET B 62 13.35 -12.12 2.37
C MET B 62 12.81 -12.21 3.79
N LEU B 63 12.01 -13.24 4.08
CA LEU B 63 11.46 -13.42 5.42
C LEU B 63 12.56 -13.57 6.46
N ARG B 64 13.62 -14.31 6.12
CA ARG B 64 14.72 -14.48 7.06
C ARG B 64 15.42 -13.15 7.31
N LYS B 65 15.77 -12.44 6.23
CA LYS B 65 16.47 -11.16 6.37
C LYS B 65 15.67 -10.20 7.22
N LEU B 66 14.35 -10.24 7.11
CA LEU B 66 13.51 -9.31 7.87
C LEU B 66 13.62 -9.60 9.37
N ASP B 67 13.70 -10.88 9.74
CA ASP B 67 13.81 -11.30 11.14
C ASP B 67 12.71 -10.65 12.00
N ILE B 68 11.48 -11.09 11.73
CA ILE B 68 10.31 -10.57 12.42
C ILE B 68 10.03 -11.44 13.64
N LYS B 69 9.83 -10.77 14.79
CA LYS B 69 9.66 -11.48 16.05
C LYS B 69 8.54 -10.93 16.95
N ASN B 70 8.05 -9.72 16.69
CA ASN B 70 6.93 -9.18 17.48
C ASN B 70 6.29 -8.03 16.72
N GLU B 71 5.44 -7.28 17.43
CA GLU B 71 4.68 -6.19 16.85
C GLU B 71 5.52 -4.95 16.58
N ASP B 72 6.54 -4.72 17.40
CA ASP B 72 7.50 -3.65 17.13
C ASP B 72 8.18 -3.87 15.78
N ASP B 73 8.34 -5.12 15.37
CA ASP B 73 8.92 -5.44 14.08
C ASP B 73 7.93 -5.24 12.94
N VAL B 74 6.64 -5.45 13.20
CA VAL B 74 5.63 -5.39 12.13
C VAL B 74 5.54 -3.98 11.54
N LYS B 75 5.46 -2.97 12.39
CA LYS B 75 5.34 -1.62 11.86
C LYS B 75 6.66 -1.09 11.29
N SER B 76 7.73 -1.86 11.34
CA SER B 76 9.01 -1.42 10.79
C SER B 76 9.31 -2.07 9.45
N LEU B 77 8.52 -3.08 9.06
CA LEU B 77 8.67 -3.70 7.75
C LEU B 77 8.24 -2.77 6.63
N SER B 78 7.51 -1.70 6.97
CA SER B 78 6.86 -0.84 5.98
C SER B 78 7.88 -0.21 5.03
N ARG B 79 9.02 0.21 5.57
CA ARG B 79 9.97 0.99 4.79
C ARG B 79 10.58 0.14 3.68
N VAL B 80 10.81 -1.15 3.95
CA VAL B 80 11.24 -2.06 2.91
C VAL B 80 10.09 -2.37 1.96
N MET B 81 8.89 -2.52 2.52
CA MET B 81 7.70 -2.71 1.70
C MET B 81 7.48 -1.55 0.75
N ILE B 82 7.63 -0.31 1.26
CA ILE B 82 7.50 0.85 0.39
C ILE B 82 8.63 0.89 -0.62
N HIS B 83 9.80 0.37 -0.26
CA HIS B 83 10.94 0.41 -1.18
C HIS B 83 10.80 -0.59 -2.31
N VAL B 84 10.52 -1.85 -1.97
CA VAL B 84 10.44 -2.89 -2.99
C VAL B 84 9.23 -2.68 -3.89
N PHE B 85 8.13 -2.17 -3.34
CA PHE B 85 6.87 -2.12 -4.05
C PHE B 85 6.64 -0.88 -4.91
N SER B 86 6.75 0.32 -4.33
CA SER B 86 6.25 1.50 -5.03
C SER B 86 7.22 2.10 -6.04
N ASP B 87 8.48 1.69 -6.08
CA ASP B 87 9.40 2.18 -7.09
C ASP B 87 9.26 1.37 -8.36
N GLY B 88 8.77 1.99 -9.43
CA GLY B 88 8.64 1.26 -10.67
C GLY B 88 7.27 1.36 -11.30
N VAL B 89 6.80 0.30 -11.95
CA VAL B 89 5.60 0.35 -12.77
C VAL B 89 4.45 -0.28 -12.02
N THR B 90 3.26 0.30 -12.18
CA THR B 90 2.08 -0.15 -11.47
C THR B 90 1.31 -1.14 -12.32
N ASN B 91 1.00 -2.30 -11.75
CA ASN B 91 0.05 -3.22 -12.36
C ASN B 91 -0.52 -4.10 -11.25
N TRP B 92 -1.51 -4.91 -11.62
CA TRP B 92 -2.15 -5.76 -10.63
C TRP B 92 -1.23 -6.90 -10.19
N GLY B 93 -0.28 -7.30 -11.05
CA GLY B 93 0.65 -8.34 -10.65
C GLY B 93 1.51 -7.95 -9.46
N ARG B 94 2.00 -6.72 -9.45
CA ARG B 94 2.75 -6.22 -8.29
C ARG B 94 1.88 -6.19 -7.05
N ILE B 95 0.61 -5.79 -7.20
CA ILE B 95 -0.27 -5.63 -6.04
C ILE B 95 -0.64 -6.99 -5.46
N VAL B 96 -0.94 -7.96 -6.32
CA VAL B 96 -1.24 -9.30 -5.80
C VAL B 96 0.02 -9.94 -5.24
N THR B 97 1.19 -9.54 -5.73
CA THR B 97 2.44 -10.03 -5.15
C THR B 97 2.65 -9.44 -3.76
N LEU B 98 2.45 -8.12 -3.61
CA LEU B 98 2.54 -7.47 -2.31
C LEU B 98 1.65 -8.16 -1.28
N ILE B 99 0.37 -8.33 -1.61
CA ILE B 99 -0.57 -8.93 -0.68
C ILE B 99 -0.24 -10.40 -0.45
N SER B 100 0.27 -11.08 -1.47
CA SER B 100 0.67 -12.48 -1.31
C SER B 100 1.75 -12.64 -0.26
N PHE B 101 2.72 -11.74 -0.25
CA PHE B 101 3.79 -11.83 0.75
C PHE B 101 3.26 -11.49 2.14
N GLY B 102 2.24 -10.63 2.21
CA GLY B 102 1.55 -10.43 3.48
C GLY B 102 0.94 -11.72 4.02
N ALA B 103 0.40 -12.54 3.14
CA ALA B 103 -0.12 -13.85 3.54
C ALA B 103 0.99 -14.76 4.02
N PHE B 104 2.10 -14.79 3.26
CA PHE B 104 3.28 -15.54 3.69
C PHE B 104 3.71 -15.13 5.08
N VAL B 105 3.80 -13.81 5.31
CA VAL B 105 4.15 -13.29 6.64
C VAL B 105 3.09 -13.66 7.66
N ALA B 106 1.81 -13.65 7.25
CA ALA B 106 0.74 -13.94 8.19
C ALA B 106 0.76 -15.38 8.65
N LYS B 107 1.00 -16.32 7.73
CA LYS B 107 1.12 -17.72 8.12
C LYS B 107 2.31 -17.92 9.05
N HIS B 108 3.44 -17.29 8.74
CA HIS B 108 4.61 -17.37 9.60
C HIS B 108 4.31 -16.81 10.99
N LEU B 109 3.66 -15.64 11.04
CA LEU B 109 3.27 -15.06 12.32
C LEU B 109 2.42 -16.03 13.12
N LYS B 110 1.51 -16.74 12.44
CA LYS B 110 0.73 -17.77 13.12
C LYS B 110 1.65 -18.85 13.70
N THR B 111 2.67 -19.24 12.94
CA THR B 111 3.60 -20.27 13.39
C THR B 111 4.34 -19.84 14.65
N ILE B 112 4.89 -18.63 14.65
CA ILE B 112 5.68 -18.16 15.78
C ILE B 112 4.76 -17.62 16.86
N ASN B 113 3.48 -18.00 16.79
CA ASN B 113 2.48 -17.64 17.80
C ASN B 113 2.39 -16.12 17.96
N GLN B 114 2.21 -15.43 16.83
CA GLN B 114 2.10 -13.97 16.80
C GLN B 114 1.00 -13.57 15.83
N GLU B 115 -0.18 -14.14 16.02
CA GLU B 115 -1.32 -13.81 15.15
C GLU B 115 -1.85 -12.42 15.46
N SER B 116 -1.63 -11.92 16.67
CA SER B 116 -2.09 -10.59 17.04
C SER B 116 -1.48 -9.51 16.15
N CYS B 117 -0.42 -9.82 15.43
CA CYS B 117 0.25 -8.88 14.54
C CYS B 117 -0.26 -8.95 13.11
N ILE B 118 -1.16 -9.88 12.80
CA ILE B 118 -1.71 -9.97 11.45
C ILE B 118 -2.61 -8.78 11.17
N GLU B 119 -3.27 -8.24 12.19
CA GLU B 119 -4.14 -7.09 11.95
C GLU B 119 -3.33 -5.82 11.72
N PRO B 120 -2.28 -5.51 12.50
CA PRO B 120 -1.42 -4.38 12.11
C PRO B 120 -0.80 -4.56 10.73
N LEU B 121 -0.33 -5.77 10.41
CA LEU B 121 0.29 -6.05 9.12
C LEU B 121 -0.60 -5.60 7.96
N ALA B 122 -1.84 -6.07 7.92
CA ALA B 122 -2.75 -5.68 6.85
C ALA B 122 -2.93 -4.17 6.78
N GLU B 123 -2.97 -3.50 7.95
CA GLU B 123 -3.06 -2.05 7.97
C GLU B 123 -1.83 -1.41 7.32
N SER B 124 -0.64 -1.97 7.57
CA SER B 124 0.56 -1.49 6.92
C SER B 124 0.50 -1.75 5.42
N ILE B 125 0.11 -2.96 5.04
CA ILE B 125 -0.07 -3.30 3.63
C ILE B 125 -1.08 -2.37 2.98
N THR B 126 -2.25 -2.20 3.61
CA THR B 126 -3.29 -1.36 3.04
C THR B 126 -2.85 0.10 2.93
N ASP B 127 -2.20 0.62 3.97
CA ASP B 127 -1.75 2.01 3.91
C ASP B 127 -0.68 2.20 2.84
N VAL B 128 0.23 1.24 2.69
CA VAL B 128 1.27 1.33 1.67
C VAL B 128 0.64 1.34 0.28
N LEU B 129 -0.42 0.54 0.10
CA LEU B 129 -1.09 0.46 -1.19
C LEU B 129 -1.83 1.75 -1.49
N VAL B 130 -2.75 2.13 -0.60
CA VAL B 130 -3.59 3.31 -0.81
C VAL B 130 -2.72 4.55 -1.01
N ARG B 131 -1.79 4.79 -0.08
CA ARG B 131 -1.04 6.05 -0.06
C ARG B 131 -0.15 6.22 -1.28
N THR B 132 0.13 5.15 -2.03
CA THR B 132 0.99 5.26 -3.20
C THR B 132 0.26 5.01 -4.52
N LYS B 133 -0.91 4.37 -4.51
CA LYS B 133 -1.57 3.99 -5.75
C LYS B 133 -3.03 4.45 -5.86
N ARG B 134 -3.49 5.37 -5.01
CA ARG B 134 -4.91 5.74 -4.99
C ARG B 134 -5.42 6.12 -6.38
N ASP B 135 -4.83 7.16 -6.99
CA ASP B 135 -5.30 7.61 -8.29
C ASP B 135 -5.37 6.48 -9.31
N TRP B 136 -4.31 5.67 -9.37
CA TRP B 136 -4.32 4.52 -10.27
C TRP B 136 -5.45 3.57 -9.90
N LEU B 137 -5.58 3.27 -8.61
CA LEU B 137 -6.70 2.44 -8.14
C LEU B 137 -8.05 3.09 -8.44
N VAL B 138 -8.11 4.42 -8.46
CA VAL B 138 -9.35 5.12 -8.78
C VAL B 138 -9.64 5.01 -10.28
N LYS B 139 -8.60 5.18 -11.10
CA LYS B 139 -8.77 5.07 -12.55
C LYS B 139 -9.15 3.64 -12.94
N GLN B 140 -8.73 2.65 -12.15
CA GLN B 140 -9.15 1.28 -12.38
C GLN B 140 -10.50 0.98 -11.75
N ARG B 141 -11.11 1.96 -11.08
CA ARG B 141 -12.36 1.77 -10.33
C ARG B 141 -12.19 0.66 -9.29
N GLY B 142 -11.02 0.63 -8.67
CA GLY B 142 -10.83 -0.18 -7.47
C GLY B 142 -10.92 -1.67 -7.73
N TRP B 143 -11.55 -2.36 -6.78
CA TRP B 143 -11.60 -3.81 -6.80
C TRP B 143 -12.52 -4.36 -7.88
N ASP B 144 -13.41 -3.52 -8.42
CA ASP B 144 -14.18 -3.94 -9.59
C ASP B 144 -13.24 -4.20 -10.77
N GLY B 145 -12.36 -3.25 -11.06
CA GLY B 145 -11.35 -3.48 -12.08
C GLY B 145 -10.36 -4.57 -11.70
N PHE B 146 -10.16 -4.77 -10.41
CA PHE B 146 -9.35 -5.89 -9.94
C PHE B 146 -9.96 -7.23 -10.37
N VAL B 147 -11.20 -7.49 -9.95
CA VAL B 147 -11.84 -8.76 -10.26
C VAL B 147 -12.04 -8.91 -11.76
N GLU B 148 -12.47 -7.84 -12.43
CA GLU B 148 -12.60 -7.87 -13.89
C GLU B 148 -11.29 -8.29 -14.53
N PHE B 149 -10.17 -7.77 -14.02
CA PHE B 149 -8.87 -8.10 -14.58
C PHE B 149 -8.60 -9.60 -14.49
N PHE B 150 -8.88 -10.19 -13.34
CA PHE B 150 -8.55 -11.60 -13.08
C PHE B 150 -9.76 -12.51 -13.24
N HIS B 151 -10.54 -12.33 -14.31
CA HIS B 151 -11.71 -13.15 -14.53
C HIS B 151 -11.34 -14.34 -15.42
N ASP C 3 34.73 -3.81 17.32
CA ASP C 3 35.60 -3.93 18.47
C ASP C 3 36.58 -2.76 18.53
N GLU C 4 37.15 -2.43 17.38
CA GLU C 4 37.94 -1.23 17.19
C GLU C 4 37.60 -0.67 15.81
N LEU C 5 37.44 -1.59 14.84
CA LEU C 5 36.91 -1.21 13.55
C LEU C 5 35.56 -0.51 13.68
N TYR C 6 34.69 -1.01 14.58
CA TYR C 6 33.43 -0.32 14.84
C TYR C 6 33.67 1.07 15.42
N ARG C 7 34.61 1.20 16.35
CA ARG C 7 34.84 2.48 17.01
C ARG C 7 35.43 3.49 16.06
N GLN C 8 36.41 3.08 15.25
CA GLN C 8 36.99 3.98 14.27
C GLN C 8 35.96 4.35 13.21
N SER C 9 35.28 3.35 12.64
CA SER C 9 34.26 3.62 11.63
C SER C 9 33.14 4.50 12.20
N LEU C 10 32.68 4.20 13.41
CA LEU C 10 31.63 5.02 14.01
C LEU C 10 32.05 6.48 14.09
N GLU C 11 33.30 6.72 14.48
CA GLU C 11 33.79 8.10 14.58
C GLU C 11 33.82 8.77 13.21
N ILE C 12 34.36 8.07 12.20
CA ILE C 12 34.43 8.63 10.86
C ILE C 12 33.04 8.98 10.34
N ILE C 13 32.12 8.02 10.41
CA ILE C 13 30.78 8.22 9.88
C ILE C 13 30.04 9.30 10.67
N SER C 14 30.16 9.27 12.00
CA SER C 14 29.52 10.29 12.83
C SER C 14 30.01 11.68 12.46
N ARG C 15 31.32 11.86 12.41
CA ARG C 15 31.87 13.18 12.12
C ARG C 15 31.48 13.65 10.72
N TYR C 16 31.44 12.72 9.76
CA TYR C 16 31.10 13.07 8.39
C TYR C 16 29.65 13.49 8.28
N LEU C 17 28.74 12.74 8.92
CA LEU C 17 27.33 13.11 8.88
C LEU C 17 27.12 14.47 9.54
N ARG C 18 27.72 14.68 10.71
CA ARG C 18 27.63 15.99 11.36
C ARG C 18 28.30 17.08 10.53
N GLU C 19 29.34 16.72 9.79
CA GLU C 19 30.08 17.71 9.00
C GLU C 19 29.26 18.22 7.83
N GLN C 20 28.64 17.31 7.07
CA GLN C 20 27.79 17.72 5.95
C GLN C 20 26.54 18.46 6.44
N ALA C 21 25.94 17.99 7.54
CA ALA C 21 24.71 18.59 8.03
C ALA C 21 24.91 20.04 8.45
N THR C 22 26.04 20.34 9.09
CA THR C 22 26.25 21.67 9.66
C THR C 22 27.09 22.57 8.76
N GLY C 23 28.14 22.04 8.14
CA GLY C 23 29.02 22.82 7.31
C GLY C 23 30.28 23.27 8.01
N ALA C 24 30.34 23.11 9.33
CA ALA C 24 31.53 23.46 10.10
C ALA C 24 32.42 22.24 10.23
N LYS C 25 33.72 22.45 10.11
CA LYS C 25 34.69 21.36 10.18
C LYS C 25 34.87 21.02 11.66
N ASP C 26 33.99 20.16 12.16
CA ASP C 26 34.04 19.69 13.55
C ASP C 26 35.44 19.26 13.95
N THR C 27 36.07 20.05 14.82
CA THR C 27 37.43 19.75 15.28
C THR C 27 37.40 18.58 16.26
N LYS C 28 37.96 18.78 17.46
CA LYS C 28 38.11 17.76 18.49
C LYS C 28 39.10 16.70 18.02
N PRO C 29 39.78 16.00 18.94
CA PRO C 29 40.80 15.04 18.51
C PRO C 29 40.18 13.78 17.93
N MET C 30 40.81 13.24 16.89
CA MET C 30 40.35 12.00 16.25
C MET C 30 41.08 10.80 16.86
N GLY C 31 40.48 10.21 17.89
CA GLY C 31 40.94 9.01 18.60
C GLY C 31 42.32 8.42 18.36
N ARG C 32 42.35 7.12 18.14
CA ARG C 32 43.54 6.37 17.78
C ARG C 32 43.49 6.05 16.29
N SER C 33 44.66 5.81 15.70
CA SER C 33 44.78 5.68 14.24
C SER C 33 44.23 6.92 13.55
N GLY C 34 44.35 8.07 14.21
CA GLY C 34 43.73 9.30 13.73
C GLY C 34 44.20 9.71 12.35
N ALA C 35 45.44 9.35 11.99
CA ALA C 35 45.98 9.75 10.69
C ALA C 35 45.22 9.07 9.57
N THR C 36 45.14 7.73 9.61
CA THR C 36 44.29 7.00 8.68
C THR C 36 42.85 7.49 8.76
N SER C 37 42.37 7.77 9.97
CA SER C 37 41.00 8.23 10.15
C SER C 37 40.78 9.59 9.51
N ARG C 38 41.66 10.54 9.79
CA ARG C 38 41.40 11.91 9.36
C ARG C 38 41.55 12.06 7.84
N LYS C 39 42.35 11.22 7.21
CA LYS C 39 42.57 11.36 5.78
C LYS C 39 41.64 10.46 4.96
N ALA C 40 41.07 9.43 5.59
CA ALA C 40 39.88 8.79 5.03
C ALA C 40 38.71 9.75 5.05
N LEU C 41 38.62 10.57 6.10
CA LEU C 41 37.62 11.63 6.16
C LEU C 41 37.77 12.59 4.99
N GLU C 42 39.00 12.96 4.65
CA GLU C 42 39.23 13.81 3.49
C GLU C 42 38.84 13.10 2.20
N THR C 43 39.09 11.79 2.12
CA THR C 43 38.63 11.01 0.98
C THR C 43 37.11 11.06 0.83
N LEU C 44 36.38 10.95 1.94
CA LEU C 44 34.92 11.05 1.87
C LEU C 44 34.48 12.41 1.36
N ARG C 45 35.18 13.47 1.78
CA ARG C 45 34.85 14.81 1.31
C ARG C 45 34.94 14.91 -0.22
N ARG C 46 35.79 14.10 -0.83
CA ARG C 46 36.01 14.20 -2.27
C ARG C 46 35.12 13.25 -3.06
N VAL C 47 34.95 12.02 -2.57
CA VAL C 47 34.15 11.02 -3.26
C VAL C 47 32.68 11.11 -2.85
N GLY C 48 32.42 11.22 -1.54
CA GLY C 48 31.05 11.16 -1.04
C GLY C 48 30.15 12.22 -1.65
N ASP C 49 30.64 13.45 -1.76
CA ASP C 49 29.80 14.53 -2.29
C ASP C 49 29.48 14.31 -3.77
N GLY C 50 30.41 13.72 -4.52
CA GLY C 50 30.11 13.37 -5.90
C GLY C 50 29.10 12.25 -5.99
N VAL C 51 29.17 11.29 -5.06
CA VAL C 51 28.14 10.25 -4.98
C VAL C 51 26.78 10.89 -4.73
N GLN C 52 26.74 11.90 -3.86
CA GLN C 52 25.51 12.66 -3.64
C GLN C 52 25.02 13.32 -4.92
N ARG C 53 25.95 13.66 -5.83
CA ARG C 53 25.59 14.40 -7.03
C ARG C 53 24.93 13.50 -8.07
N ASN C 54 25.61 12.42 -8.47
CA ASN C 54 25.08 11.54 -9.50
C ASN C 54 23.80 10.84 -9.05
N HIS C 55 23.58 10.71 -7.74
CA HIS C 55 22.41 10.03 -7.21
C HIS C 55 21.52 10.94 -6.38
N GLU C 56 21.47 12.23 -6.70
CA GLU C 56 20.65 13.13 -5.90
C GLU C 56 19.17 12.88 -6.13
N THR C 57 18.80 12.54 -7.36
CA THR C 57 17.40 12.29 -7.70
C THR C 57 16.88 11.06 -6.97
N ALA C 58 17.63 9.97 -7.02
CA ALA C 58 17.20 8.77 -6.30
C ALA C 58 17.27 8.95 -4.79
N PHE C 59 18.15 9.82 -4.30
CA PHE C 59 18.23 10.06 -2.86
C PHE C 59 16.99 10.78 -2.34
N GLN C 60 16.53 11.83 -3.04
CA GLN C 60 15.31 12.51 -2.60
C GLN C 60 14.11 11.56 -2.66
N GLY C 61 14.05 10.71 -3.69
CA GLY C 61 13.00 9.71 -3.74
C GLY C 61 13.05 8.77 -2.56
N MET C 62 14.23 8.20 -2.29
CA MET C 62 14.38 7.30 -1.15
C MET C 62 14.07 7.99 0.16
N LEU C 63 14.61 9.20 0.35
CA LEU C 63 14.36 9.95 1.58
C LEU C 63 12.88 10.28 1.74
N ARG C 64 12.22 10.67 0.65
CA ARG C 64 10.81 11.02 0.70
C ARG C 64 9.95 9.82 1.04
N LYS C 65 10.25 8.67 0.43
CA LYS C 65 9.56 7.44 0.79
C LYS C 65 9.83 7.04 2.24
N LEU C 66 11.00 7.38 2.76
CA LEU C 66 11.33 7.02 4.13
C LEU C 66 10.49 7.81 5.13
N ASP C 67 10.24 9.09 4.85
CA ASP C 67 9.45 9.95 5.72
C ASP C 67 9.94 9.87 7.17
N ILE C 68 11.13 10.41 7.38
CA ILE C 68 11.77 10.43 8.70
C ILE C 68 11.36 11.70 9.42
N LYS C 69 10.67 11.55 10.54
CA LYS C 69 10.16 12.69 11.28
C LYS C 69 10.52 12.69 12.76
N ASN C 70 11.02 11.58 13.29
CA ASN C 70 11.37 11.50 14.71
C ASN C 70 12.43 10.41 14.88
N GLU C 71 12.91 10.29 16.12
CA GLU C 71 13.96 9.33 16.41
C GLU C 71 13.47 7.89 16.27
N ASP C 72 12.21 7.64 16.65
CA ASP C 72 11.67 6.29 16.54
C ASP C 72 11.68 5.81 15.09
N ASP C 73 11.55 6.73 14.13
CA ASP C 73 11.69 6.38 12.72
C ASP C 73 13.13 6.11 12.35
N VAL C 74 14.07 6.84 12.98
CA VAL C 74 15.48 6.66 12.66
C VAL C 74 15.95 5.26 13.04
N LYS C 75 15.54 4.78 14.21
CA LYS C 75 15.93 3.47 14.72
C LYS C 75 15.29 2.31 13.95
N SER C 76 14.45 2.59 12.95
CA SER C 76 13.79 1.57 12.17
C SER C 76 14.34 1.41 10.75
N LEU C 77 15.25 2.28 10.33
CA LEU C 77 15.82 2.25 8.98
C LEU C 77 16.69 1.03 8.71
N SER C 78 17.06 0.26 9.73
CA SER C 78 18.09 -0.78 9.56
C SER C 78 17.71 -1.83 8.52
N ARG C 79 16.46 -2.31 8.54
CA ARG C 79 16.10 -3.41 7.65
C ARG C 79 16.10 -3.00 6.18
N VAL C 80 15.69 -1.76 5.89
CA VAL C 80 15.79 -1.27 4.53
C VAL C 80 17.25 -0.98 4.19
N MET C 81 18.00 -0.46 5.15
CA MET C 81 19.42 -0.24 4.94
C MET C 81 20.13 -1.55 4.63
N ILE C 82 19.80 -2.61 5.38
CA ILE C 82 20.38 -3.92 5.12
C ILE C 82 19.89 -4.48 3.79
N HIS C 83 18.68 -4.11 3.35
CA HIS C 83 18.14 -4.68 2.13
C HIS C 83 18.82 -4.10 0.89
N VAL C 84 18.91 -2.78 0.80
CA VAL C 84 19.51 -2.15 -0.37
C VAL C 84 21.01 -2.43 -0.41
N PHE C 85 21.65 -2.50 0.76
CA PHE C 85 23.09 -2.60 0.83
C PHE C 85 23.59 -4.04 0.71
N SER C 86 23.01 -4.96 1.50
CA SER C 86 23.53 -6.32 1.59
C SER C 86 23.17 -7.18 0.39
N ASP C 87 22.35 -6.68 -0.54
CA ASP C 87 22.03 -7.42 -1.75
C ASP C 87 23.18 -7.26 -2.74
N GLY C 88 24.00 -8.32 -2.86
CA GLY C 88 25.08 -8.34 -3.82
C GLY C 88 26.42 -8.57 -3.14
N VAL C 89 27.46 -8.05 -3.76
CA VAL C 89 28.85 -8.28 -3.35
C VAL C 89 29.42 -6.99 -2.80
N THR C 90 30.37 -7.12 -1.88
CA THR C 90 30.90 -5.99 -1.14
C THR C 90 32.05 -5.34 -1.90
N ASN C 91 32.02 -4.01 -1.97
CA ASN C 91 33.16 -3.24 -2.45
C ASN C 91 33.11 -1.86 -1.80
N TRP C 92 34.18 -1.08 -2.01
CA TRP C 92 34.24 0.22 -1.36
C TRP C 92 33.27 1.21 -1.98
N GLY C 93 32.95 1.04 -3.27
CA GLY C 93 31.97 1.89 -3.91
C GLY C 93 30.59 1.75 -3.30
N ARG C 94 30.19 0.52 -2.99
CA ARG C 94 28.91 0.29 -2.32
C ARG C 94 28.89 0.95 -0.96
N ILE C 95 30.02 0.92 -0.25
CA ILE C 95 30.09 1.44 1.11
C ILE C 95 30.03 2.96 1.12
N VAL C 96 30.73 3.61 0.18
CA VAL C 96 30.69 5.07 0.12
C VAL C 96 29.30 5.54 -0.27
N THR C 97 28.54 4.72 -1.01
CA THR C 97 27.16 5.08 -1.32
C THR C 97 26.31 5.05 -0.06
N LEU C 98 26.43 3.99 0.74
CA LEU C 98 25.78 3.92 2.04
C LEU C 98 26.10 5.14 2.89
N ILE C 99 27.40 5.43 3.05
CA ILE C 99 27.82 6.54 3.91
C ILE C 99 27.42 7.88 3.31
N SER C 100 27.49 8.02 1.99
CA SER C 100 27.08 9.27 1.36
C SER C 100 25.60 9.55 1.60
N PHE C 101 24.76 8.50 1.50
CA PHE C 101 23.34 8.68 1.73
C PHE C 101 23.04 8.94 3.19
N GLY C 102 23.84 8.40 4.10
CA GLY C 102 23.72 8.79 5.50
C GLY C 102 23.94 10.28 5.70
N ALA C 103 24.87 10.86 4.96
CA ALA C 103 25.08 12.30 5.02
C ALA C 103 23.87 13.04 4.44
N PHE C 104 23.36 12.57 3.29
CA PHE C 104 22.14 13.12 2.72
C PHE C 104 21.01 13.13 3.74
N VAL C 105 20.78 11.99 4.40
CA VAL C 105 19.76 11.91 5.44
C VAL C 105 20.12 12.81 6.62
N ALA C 106 21.42 12.93 6.91
CA ALA C 106 21.84 13.76 8.05
C ALA C 106 21.53 15.22 7.82
N LYS C 107 21.74 15.71 6.58
CA LYS C 107 21.33 17.08 6.25
C LYS C 107 19.84 17.27 6.45
N HIS C 108 19.04 16.30 6.01
CA HIS C 108 17.59 16.36 6.21
C HIS C 108 17.24 16.38 7.68
N LEU C 109 17.83 15.48 8.47
CA LEU C 109 17.55 15.43 9.90
C LEU C 109 17.88 16.75 10.58
N LYS C 110 18.98 17.38 10.19
CA LYS C 110 19.31 18.70 10.72
C LYS C 110 18.24 19.73 10.37
N THR C 111 17.73 19.68 9.14
CA THR C 111 16.74 20.66 8.69
C THR C 111 15.48 20.61 9.55
N ILE C 112 14.98 19.40 9.83
CA ILE C 112 13.74 19.23 10.55
C ILE C 112 13.94 19.35 12.05
N ASN C 113 15.03 19.98 12.47
CA ASN C 113 15.32 20.21 13.89
C ASN C 113 15.37 18.88 14.64
N GLN C 114 16.18 17.96 14.11
CA GLN C 114 16.34 16.63 14.70
C GLN C 114 17.80 16.21 14.66
N GLU C 115 18.71 17.18 14.79
CA GLU C 115 20.14 16.93 14.69
C GLU C 115 20.63 15.90 15.70
N SER C 116 19.91 15.72 16.81
CA SER C 116 20.30 14.74 17.81
C SER C 116 20.24 13.31 17.28
N CYS C 117 19.57 13.09 16.16
CA CYS C 117 19.43 11.77 15.57
C CYS C 117 20.55 11.45 14.59
N ILE C 118 21.44 12.40 14.32
CA ILE C 118 22.55 12.14 13.41
C ILE C 118 23.52 11.17 14.05
N GLU C 119 23.66 11.20 15.37
CA GLU C 119 24.59 10.28 16.04
C GLU C 119 24.03 8.88 16.07
N PRO C 120 22.75 8.63 16.42
CA PRO C 120 22.20 7.27 16.24
C PRO C 120 22.25 6.79 14.81
N LEU C 121 21.89 7.65 13.86
CA LEU C 121 21.96 7.28 12.45
C LEU C 121 23.34 6.71 12.11
N ALA C 122 24.38 7.48 12.38
CA ALA C 122 25.75 7.02 12.15
C ALA C 122 26.02 5.73 12.92
N GLU C 123 25.51 5.62 14.14
CA GLU C 123 25.72 4.41 14.93
C GLU C 123 24.88 3.25 14.39
N SER C 124 23.73 3.53 13.78
CA SER C 124 22.99 2.48 13.10
C SER C 124 23.71 2.03 11.83
N ILE C 125 24.18 3.00 11.04
CA ILE C 125 24.96 2.69 9.84
C ILE C 125 26.20 1.88 10.21
N THR C 126 26.93 2.31 11.24
CA THR C 126 28.16 1.62 11.61
C THR C 126 27.89 0.17 11.98
N ASP C 127 26.85 -0.08 12.77
CA ASP C 127 26.50 -1.46 13.10
C ASP C 127 26.11 -2.23 11.85
N VAL C 128 25.37 -1.59 10.95
CA VAL C 128 24.95 -2.26 9.72
C VAL C 128 26.16 -2.63 8.86
N LEU C 129 27.17 -1.77 8.84
CA LEU C 129 28.36 -2.01 8.02
C LEU C 129 29.26 -3.07 8.65
N VAL C 130 29.76 -2.80 9.86
CA VAL C 130 30.75 -3.67 10.49
C VAL C 130 30.19 -5.08 10.67
N ARG C 131 29.04 -5.21 11.35
CA ARG C 131 28.56 -6.54 11.72
C ARG C 131 28.18 -7.39 10.52
N THR C 132 28.02 -6.79 9.33
CA THR C 132 27.64 -7.55 8.14
C THR C 132 28.75 -7.65 7.11
N LYS C 133 29.80 -6.82 7.22
CA LYS C 133 30.90 -6.82 6.27
C LYS C 133 32.24 -6.95 6.97
N ARG C 134 32.24 -7.35 8.25
CA ARG C 134 33.47 -7.42 9.03
C ARG C 134 34.55 -8.22 8.31
N ASP C 135 34.23 -9.47 7.99
CA ASP C 135 35.19 -10.36 7.34
C ASP C 135 35.77 -9.73 6.08
N TRP C 136 34.90 -9.18 5.22
CA TRP C 136 35.37 -8.49 4.03
C TRP C 136 36.19 -7.26 4.37
N LEU C 137 35.70 -6.44 5.32
CA LEU C 137 36.41 -5.24 5.73
C LEU C 137 37.80 -5.53 6.27
N VAL C 138 38.01 -6.70 6.86
CA VAL C 138 39.33 -7.07 7.36
C VAL C 138 40.26 -7.45 6.23
N LYS C 139 39.75 -8.21 5.25
CA LYS C 139 40.59 -8.69 4.15
C LYS C 139 41.10 -7.54 3.27
N GLN C 140 40.29 -6.50 3.09
CA GLN C 140 40.71 -5.34 2.33
C GLN C 140 41.40 -4.29 3.18
N ARG C 141 41.91 -4.70 4.36
CA ARG C 141 42.80 -3.89 5.18
C ARG C 141 42.09 -2.70 5.83
N GLY C 142 40.78 -2.80 6.04
CA GLY C 142 40.04 -1.79 6.79
C GLY C 142 40.19 -0.40 6.20
N TRP C 143 40.28 0.60 7.08
CA TRP C 143 40.31 1.98 6.62
C TRP C 143 41.64 2.37 5.99
N ASP C 144 42.71 1.62 6.23
CA ASP C 144 43.94 1.85 5.48
C ASP C 144 43.72 1.55 4.00
N GLY C 145 43.17 0.37 3.69
CA GLY C 145 42.84 0.03 2.31
C GLY C 145 41.75 0.89 1.71
N PHE C 146 40.88 1.46 2.55
CA PHE C 146 39.90 2.43 2.07
C PHE C 146 40.60 3.62 1.42
N VAL C 147 41.51 4.26 2.16
CA VAL C 147 42.21 5.45 1.65
C VAL C 147 43.01 5.09 0.39
N GLU C 148 43.67 3.93 0.41
CA GLU C 148 44.42 3.47 -0.75
C GLU C 148 43.56 3.40 -2.00
N PHE C 149 42.33 2.90 -1.86
CA PHE C 149 41.46 2.67 -3.00
C PHE C 149 41.20 3.96 -3.77
N PHE C 150 40.89 5.04 -3.06
CA PHE C 150 40.44 6.29 -3.69
C PHE C 150 41.56 7.33 -3.72
N HIS C 151 42.74 6.93 -4.19
CA HIS C 151 43.89 7.83 -4.26
C HIS C 151 43.94 8.52 -5.61
N GLU D 4 -11.65 14.09 12.73
CA GLU D 4 -11.04 12.77 12.85
C GLU D 4 -11.03 12.30 14.29
N LEU D 5 -10.76 13.23 15.21
CA LEU D 5 -10.93 12.95 16.63
C LEU D 5 -12.33 12.44 16.92
N TYR D 6 -13.33 13.04 16.27
CA TYR D 6 -14.69 12.54 16.36
C TYR D 6 -14.80 11.12 15.81
N ARG D 7 -14.16 10.88 14.66
CA ARG D 7 -14.28 9.56 14.03
C ARG D 7 -13.55 8.49 14.82
N GLN D 8 -12.34 8.79 15.30
CA GLN D 8 -11.59 7.83 16.10
C GLN D 8 -12.34 7.52 17.38
N SER D 9 -12.76 8.56 18.10
CA SER D 9 -13.56 8.36 19.31
C SER D 9 -14.85 7.63 19.02
N LEU D 10 -15.58 8.06 17.98
CA LEU D 10 -16.84 7.42 17.63
C LEU D 10 -16.65 5.93 17.34
N GLU D 11 -15.61 5.57 16.59
CA GLU D 11 -15.39 4.16 16.26
C GLU D 11 -15.07 3.34 17.50
N ILE D 12 -14.16 3.84 18.33
CA ILE D 12 -13.81 3.13 19.57
C ILE D 12 -15.02 3.01 20.48
N ILE D 13 -15.72 4.12 20.71
CA ILE D 13 -16.85 4.12 21.64
C ILE D 13 -17.99 3.24 21.13
N SER D 14 -18.30 3.34 19.84
CA SER D 14 -19.36 2.51 19.28
C SER D 14 -19.05 1.02 19.44
N ARG D 15 -17.84 0.62 19.05
CA ARG D 15 -17.46 -0.78 19.13
C ARG D 15 -17.45 -1.28 20.58
N TYR D 16 -17.04 -0.42 21.51
CA TYR D 16 -17.05 -0.80 22.92
C TYR D 16 -18.48 -0.98 23.41
N LEU D 17 -19.37 -0.05 23.07
CA LEU D 17 -20.77 -0.18 23.47
C LEU D 17 -21.38 -1.43 22.87
N ARG D 18 -21.07 -1.68 21.59
CA ARG D 18 -21.57 -2.89 20.93
C ARG D 18 -21.02 -4.14 21.61
N GLU D 19 -19.75 -4.11 21.99
CA GLU D 19 -19.12 -5.26 22.62
C GLU D 19 -19.75 -5.56 23.98
N GLN D 20 -20.01 -4.53 24.77
CA GLN D 20 -20.65 -4.72 26.07
C GLN D 20 -22.08 -5.25 25.93
N ALA D 21 -22.84 -4.69 24.99
CA ALA D 21 -24.25 -5.05 24.84
C ALA D 21 -24.42 -6.50 24.40
N THR D 22 -23.59 -6.96 23.47
CA THR D 22 -23.79 -8.26 22.83
C THR D 22 -22.92 -9.37 23.42
N GLY D 23 -21.67 -9.08 23.75
CA GLY D 23 -20.75 -10.08 24.21
C GLY D 23 -19.79 -10.58 23.15
N ALA D 24 -19.99 -10.19 21.90
CA ALA D 24 -19.09 -10.58 20.81
C ALA D 24 -17.98 -9.56 20.66
N LYS D 25 -16.76 -10.05 20.43
CA LYS D 25 -15.58 -9.20 20.31
C LYS D 25 -15.42 -8.55 18.93
N ASP D 26 -16.52 -8.35 18.20
CA ASP D 26 -16.59 -7.65 16.91
C ASP D 26 -15.39 -7.78 15.99
N THR D 27 -15.54 -8.49 14.87
CA THR D 27 -14.53 -8.45 13.84
C THR D 27 -14.61 -7.12 13.09
N LYS D 28 -14.47 -7.17 11.76
CA LYS D 28 -14.40 -6.04 10.83
C LYS D 28 -13.19 -5.15 11.15
N PRO D 29 -12.61 -4.48 10.16
CA PRO D 29 -11.37 -3.75 10.37
C PRO D 29 -11.50 -2.41 11.07
N MET D 30 -10.47 -2.11 11.88
CA MET D 30 -10.28 -0.79 12.47
C MET D 30 -9.39 0.00 11.52
N GLY D 31 -9.79 1.22 11.18
CA GLY D 31 -9.05 2.03 10.24
C GLY D 31 -7.70 2.55 10.69
N ARG D 32 -7.42 3.81 10.36
CA ARG D 32 -6.18 4.44 10.77
C ARG D 32 -6.12 4.55 12.29
N SER D 33 -4.89 4.67 12.80
CA SER D 33 -4.62 4.68 14.24
C SER D 33 -5.19 3.44 14.92
N GLY D 34 -5.25 2.31 14.19
CA GLY D 34 -5.90 1.12 14.71
C GLY D 34 -5.26 0.60 15.98
N ALA D 35 -3.96 0.85 16.16
CA ALA D 35 -3.27 0.36 17.34
C ALA D 35 -3.76 1.10 18.58
N THR D 36 -3.73 2.44 18.54
CA THR D 36 -4.30 3.23 19.62
C THR D 36 -5.75 2.86 19.85
N SER D 37 -6.51 2.64 18.77
CA SER D 37 -7.91 2.25 18.89
C SER D 37 -8.05 0.84 19.47
N ARG D 38 -6.97 0.06 19.49
CA ARG D 38 -7.03 -1.33 19.94
C ARG D 38 -6.71 -1.50 21.41
N LYS D 39 -5.75 -0.74 21.95
CA LYS D 39 -5.52 -0.75 23.39
C LYS D 39 -6.30 0.30 24.15
N ALA D 40 -6.81 1.33 23.49
CA ALA D 40 -7.87 2.11 24.12
C ALA D 40 -9.12 1.25 24.28
N LEU D 41 -9.43 0.44 23.27
CA LEU D 41 -10.53 -0.51 23.37
C LEU D 41 -10.28 -1.54 24.47
N GLU D 42 -9.09 -2.13 24.51
CA GLU D 42 -8.75 -3.09 25.55
C GLU D 42 -8.67 -2.42 26.93
N THR D 43 -8.17 -1.18 26.99
CA THR D 43 -8.20 -0.45 28.25
C THR D 43 -9.61 -0.35 28.80
N LEU D 44 -10.57 -0.06 27.93
CA LEU D 44 -11.96 -0.07 28.35
C LEU D 44 -12.38 -1.46 28.82
N ARG D 45 -11.89 -2.51 28.14
CA ARG D 45 -12.18 -3.87 28.56
C ARG D 45 -11.75 -4.12 29.99
N ARG D 46 -10.60 -3.57 30.39
CA ARG D 46 -10.03 -3.80 31.71
C ARG D 46 -10.52 -2.79 32.74
N VAL D 47 -10.72 -1.54 32.34
CA VAL D 47 -11.06 -0.46 33.26
C VAL D 47 -12.56 -0.16 33.25
N GLY D 48 -13.15 -0.09 32.06
CA GLY D 48 -14.55 0.33 31.96
C GLY D 48 -15.49 -0.55 32.76
N ASP D 49 -15.28 -1.87 32.72
CA ASP D 49 -16.17 -2.78 33.43
C ASP D 49 -16.09 -2.58 34.94
N GLY D 50 -14.92 -2.19 35.44
CA GLY D 50 -14.81 -1.85 36.85
C GLY D 50 -15.55 -0.58 37.20
N VAL D 51 -15.55 0.40 36.28
CA VAL D 51 -16.35 1.60 36.47
C VAL D 51 -17.82 1.23 36.56
N GLN D 52 -18.29 0.35 35.68
CA GLN D 52 -19.64 -0.18 35.79
C GLN D 52 -19.84 -0.98 37.07
N ARG D 53 -18.77 -1.33 37.76
CA ARG D 53 -18.85 -2.19 38.92
C ARG D 53 -18.95 -1.43 40.24
N ASN D 54 -18.15 -0.37 40.40
CA ASN D 54 -18.24 0.46 41.60
C ASN D 54 -19.39 1.46 41.53
N HIS D 55 -19.89 1.77 40.35
CA HIS D 55 -21.00 2.70 40.15
C HIS D 55 -22.22 2.00 39.60
N GLU D 56 -22.40 0.71 39.93
CA GLU D 56 -23.48 -0.05 39.32
C GLU D 56 -24.83 0.37 39.89
N THR D 57 -24.88 0.65 41.19
CA THR D 57 -26.13 1.04 41.82
C THR D 57 -26.60 2.41 41.33
N ALA D 58 -25.71 3.41 41.38
CA ALA D 58 -26.07 4.75 40.94
C ALA D 58 -26.30 4.81 39.43
N PHE D 59 -25.62 3.95 38.66
CA PHE D 59 -25.93 3.87 37.23
C PHE D 59 -27.33 3.32 37.02
N GLN D 60 -27.70 2.30 37.81
CA GLN D 60 -29.07 1.79 37.77
C GLN D 60 -30.05 2.88 38.17
N GLY D 61 -29.68 3.70 39.16
CA GLY D 61 -30.51 4.82 39.54
C GLY D 61 -30.70 5.81 38.41
N MET D 62 -29.59 6.23 37.79
CA MET D 62 -29.67 7.16 36.67
C MET D 62 -30.48 6.56 35.52
N LEU D 63 -30.23 5.29 35.19
CA LEU D 63 -30.95 4.63 34.11
C LEU D 63 -32.44 4.54 34.40
N ARG D 64 -32.79 4.26 35.66
CA ARG D 64 -34.19 4.14 36.05
C ARG D 64 -34.94 5.46 35.91
N LYS D 65 -34.31 6.57 36.30
CA LYS D 65 -34.96 7.88 36.16
C LYS D 65 -35.06 8.32 34.70
N LEU D 66 -34.22 7.79 33.82
CA LEU D 66 -34.22 8.24 32.43
C LEU D 66 -35.46 7.77 31.67
N ASP D 67 -35.92 6.55 31.95
CA ASP D 67 -37.06 5.96 31.25
C ASP D 67 -36.85 6.01 29.73
N ILE D 68 -35.89 5.22 29.29
CA ILE D 68 -35.57 5.12 27.87
C ILE D 68 -36.40 3.98 27.28
N LYS D 69 -37.20 4.30 26.28
CA LYS D 69 -38.08 3.33 25.65
C LYS D 69 -37.86 3.16 24.16
N ASN D 70 -37.40 4.20 23.46
CA ASN D 70 -37.33 4.17 22.01
C ASN D 70 -36.22 5.11 21.55
N GLU D 71 -36.10 5.23 20.23
CA GLU D 71 -35.09 6.11 19.64
C GLU D 71 -35.35 7.58 19.98
N ASP D 72 -36.60 7.93 20.25
CA ASP D 72 -36.89 9.31 20.69
C ASP D 72 -36.25 9.59 22.04
N ASP D 73 -36.28 8.62 22.95
CA ASP D 73 -35.66 8.83 24.25
C ASP D 73 -34.14 8.93 24.12
N VAL D 74 -33.55 8.18 23.20
CA VAL D 74 -32.10 8.19 23.04
C VAL D 74 -31.62 9.54 22.53
N LYS D 75 -32.31 10.12 21.54
CA LYS D 75 -31.90 11.38 20.93
C LYS D 75 -32.07 12.60 21.83
N SER D 76 -32.58 12.42 23.06
CA SER D 76 -32.75 13.53 23.99
C SER D 76 -31.77 13.51 25.16
N LEU D 77 -30.98 12.45 25.30
CA LEU D 77 -30.05 12.30 26.43
C LEU D 77 -28.92 13.32 26.47
N SER D 78 -28.67 14.05 25.37
CA SER D 78 -27.47 14.87 25.29
C SER D 78 -27.43 15.94 26.39
N ARG D 79 -28.56 16.59 26.68
CA ARG D 79 -28.55 17.70 27.63
C ARG D 79 -28.28 17.23 29.06
N VAL D 80 -28.77 16.05 29.43
CA VAL D 80 -28.39 15.50 30.73
C VAL D 80 -26.95 14.99 30.69
N MET D 81 -26.57 14.37 29.57
CA MET D 81 -25.18 13.94 29.41
C MET D 81 -24.24 15.13 29.52
N ILE D 82 -24.58 16.24 28.86
CA ILE D 82 -23.77 17.45 28.99
C ILE D 82 -23.85 18.00 30.41
N HIS D 83 -24.96 17.79 31.10
CA HIS D 83 -25.14 18.39 32.42
C HIS D 83 -24.26 17.72 33.45
N VAL D 84 -24.33 16.38 33.54
CA VAL D 84 -23.51 15.65 34.50
C VAL D 84 -22.04 15.72 34.11
N PHE D 85 -21.76 15.74 32.80
CA PHE D 85 -20.38 15.63 32.32
C PHE D 85 -19.68 16.99 32.32
N SER D 86 -20.32 18.02 31.76
CA SER D 86 -19.69 19.33 31.64
C SER D 86 -19.67 20.08 32.95
N ASP D 87 -20.28 19.54 34.00
CA ASP D 87 -20.23 20.18 35.31
C ASP D 87 -18.85 19.87 35.88
N GLY D 88 -17.93 20.81 35.70
CA GLY D 88 -16.58 20.70 36.23
C GLY D 88 -15.47 20.72 35.20
N VAL D 89 -14.34 20.11 35.57
CA VAL D 89 -13.09 20.15 34.81
C VAL D 89 -12.79 18.77 34.24
N THR D 90 -12.03 18.75 33.14
CA THR D 90 -11.80 17.52 32.39
C THR D 90 -10.66 16.69 32.98
N ASN D 91 -10.91 15.38 33.11
CA ASN D 91 -9.87 14.40 33.37
C ASN D 91 -10.35 13.08 32.78
N TRP D 92 -9.46 12.09 32.77
CA TRP D 92 -9.81 10.81 32.14
C TRP D 92 -10.84 10.03 32.94
N GLY D 93 -10.91 10.25 34.25
CA GLY D 93 -11.89 9.56 35.06
C GLY D 93 -13.32 9.87 34.66
N ARG D 94 -13.62 11.15 34.40
CA ARG D 94 -14.94 11.52 33.89
C ARG D 94 -15.22 10.86 32.56
N ILE D 95 -14.21 10.78 31.70
CA ILE D 95 -14.40 10.30 30.33
C ILE D 95 -14.68 8.79 30.32
N VAL D 96 -13.93 8.03 31.13
CA VAL D 96 -14.21 6.61 31.24
C VAL D 96 -15.54 6.38 31.96
N THR D 97 -15.92 7.30 32.85
CA THR D 97 -17.23 7.21 33.50
C THR D 97 -18.34 7.47 32.50
N LEU D 98 -18.19 8.54 31.71
CA LEU D 98 -19.14 8.84 30.65
C LEU D 98 -19.35 7.65 29.72
N ILE D 99 -18.25 7.10 29.20
CA ILE D 99 -18.32 6.01 28.25
C ILE D 99 -18.83 4.73 28.90
N SER D 100 -18.44 4.48 30.15
CA SER D 100 -18.92 3.29 30.85
C SER D 100 -20.43 3.32 31.02
N PHE D 101 -20.99 4.48 31.34
CA PHE D 101 -22.43 4.58 31.46
C PHE D 101 -23.11 4.44 30.11
N GLY D 102 -22.47 4.91 29.05
CA GLY D 102 -22.95 4.61 27.70
C GLY D 102 -22.99 3.12 27.42
N ALA D 103 -22.00 2.39 27.91
CA ALA D 103 -22.02 0.93 27.79
C ALA D 103 -23.14 0.35 28.64
N PHE D 104 -23.29 0.84 29.87
CA PHE D 104 -24.41 0.43 30.72
C PHE D 104 -25.73 0.62 29.99
N VAL D 105 -25.94 1.80 29.41
CA VAL D 105 -27.16 2.08 28.66
C VAL D 105 -27.25 1.18 27.42
N ALA D 106 -26.11 0.85 26.81
CA ALA D 106 -26.13 0.03 25.62
C ALA D 106 -26.66 -1.36 25.90
N LYS D 107 -26.28 -1.93 27.05
CA LYS D 107 -26.85 -3.22 27.46
C LYS D 107 -28.35 -3.11 27.69
N HIS D 108 -28.81 -1.98 28.25
CA HIS D 108 -30.24 -1.76 28.40
C HIS D 108 -30.96 -1.77 27.06
N LEU D 109 -30.44 -0.98 26.10
CA LEU D 109 -31.06 -0.93 24.78
C LEU D 109 -31.13 -2.30 24.12
N LYS D 110 -30.05 -3.08 24.24
CA LYS D 110 -30.06 -4.43 23.70
C LYS D 110 -31.15 -5.28 24.35
N THR D 111 -31.34 -5.12 25.66
CA THR D 111 -32.35 -5.89 26.38
C THR D 111 -33.74 -5.62 25.83
N ILE D 112 -34.09 -4.35 25.63
CA ILE D 112 -35.43 -3.97 25.18
C ILE D 112 -35.56 -4.06 23.66
N ASN D 113 -34.73 -4.90 23.03
CA ASN D 113 -34.78 -5.11 21.59
C ASN D 113 -34.55 -3.80 20.84
N GLN D 114 -33.46 -3.11 21.19
CA GLN D 114 -33.11 -1.84 20.56
C GLN D 114 -31.60 -1.76 20.32
N GLU D 115 -31.05 -2.72 19.58
CA GLU D 115 -29.67 -2.60 19.13
C GLU D 115 -29.51 -1.44 18.17
N SER D 116 -30.59 -1.07 17.47
CA SER D 116 -30.53 0.01 16.51
C SER D 116 -30.31 1.37 17.16
N CYS D 117 -30.56 1.48 18.46
CA CYS D 117 -30.35 2.73 19.17
C CYS D 117 -28.96 2.82 19.79
N ILE D 118 -28.17 1.74 19.72
CA ILE D 118 -26.82 1.79 20.28
C ILE D 118 -25.92 2.69 19.45
N GLU D 119 -26.14 2.75 18.13
CA GLU D 119 -25.28 3.56 17.27
C GLU D 119 -25.55 5.06 17.46
N PRO D 120 -26.80 5.54 17.50
CA PRO D 120 -27.01 6.95 17.86
C PRO D 120 -26.43 7.31 19.21
N LEU D 121 -26.60 6.44 20.20
CA LEU D 121 -26.03 6.67 21.53
C LEU D 121 -24.55 7.03 21.43
N ALA D 122 -23.76 6.18 20.78
CA ALA D 122 -22.34 6.45 20.62
C ALA D 122 -22.09 7.79 19.94
N GLU D 123 -22.81 8.05 18.85
CA GLU D 123 -22.62 9.31 18.13
C GLU D 123 -22.92 10.50 19.03
N SER D 124 -23.98 10.42 19.83
CA SER D 124 -24.30 11.49 20.77
C SER D 124 -23.21 11.62 21.84
N ILE D 125 -22.77 10.49 22.40
CA ILE D 125 -21.66 10.50 23.35
C ILE D 125 -20.44 11.16 22.73
N THR D 126 -20.09 10.74 21.51
CA THR D 126 -18.92 11.29 20.84
C THR D 126 -19.06 12.79 20.62
N ASP D 127 -20.23 13.23 20.14
CA ASP D 127 -20.47 14.65 19.93
C ASP D 127 -20.41 15.42 21.24
N VAL D 128 -20.98 14.85 22.31
CA VAL D 128 -20.96 15.51 23.61
C VAL D 128 -19.52 15.65 24.10
N LEU D 129 -18.69 14.64 23.80
CA LEU D 129 -17.30 14.63 24.25
C LEU D 129 -16.41 15.60 23.51
N VAL D 130 -16.23 15.40 22.19
CA VAL D 130 -15.26 16.19 21.44
C VAL D 130 -15.58 17.68 21.51
N ARG D 131 -16.81 18.06 21.15
CA ARG D 131 -17.14 19.48 21.00
C ARG D 131 -17.03 20.27 22.30
N THR D 132 -16.96 19.59 23.44
CA THR D 132 -16.87 20.28 24.72
C THR D 132 -15.53 20.09 25.41
N LYS D 133 -14.73 19.10 25.02
CA LYS D 133 -13.44 18.81 25.64
C LYS D 133 -12.31 18.72 24.64
N ARG D 134 -12.53 19.21 23.40
CA ARG D 134 -11.59 19.03 22.30
C ARG D 134 -10.19 19.50 22.66
N ASP D 135 -10.04 20.77 23.03
CA ASP D 135 -8.73 21.33 23.34
C ASP D 135 -7.97 20.50 24.38
N TRP D 136 -8.67 20.06 25.43
CA TRP D 136 -8.04 19.23 26.45
C TRP D 136 -7.48 17.94 25.86
N LEU D 137 -8.27 17.28 25.00
CA LEU D 137 -7.79 16.08 24.31
C LEU D 137 -6.57 16.39 23.46
N VAL D 138 -6.45 17.62 22.97
CA VAL D 138 -5.26 18.00 22.23
C VAL D 138 -4.10 18.22 23.19
N LYS D 139 -4.35 18.93 24.29
CA LYS D 139 -3.29 19.18 25.26
C LYS D 139 -2.91 17.90 26.03
N GLN D 140 -3.90 17.09 26.40
CA GLN D 140 -3.65 15.82 27.08
C GLN D 140 -3.54 14.62 26.14
N ARG D 141 -3.24 14.85 24.86
CA ARG D 141 -2.68 13.82 23.97
C ARG D 141 -3.71 12.79 23.52
N GLY D 142 -5.00 13.14 23.52
CA GLY D 142 -6.04 12.30 22.95
C GLY D 142 -6.01 10.87 23.44
N TRP D 143 -6.32 9.94 22.53
CA TRP D 143 -6.44 8.54 22.93
C TRP D 143 -5.10 7.87 23.23
N ASP D 144 -3.99 8.41 22.69
CA ASP D 144 -2.68 7.92 23.11
C ASP D 144 -2.46 8.21 24.59
N GLY D 145 -2.73 9.44 25.02
CA GLY D 145 -2.65 9.77 26.43
C GLY D 145 -3.67 9.02 27.26
N PHE D 146 -4.79 8.62 26.65
CA PHE D 146 -5.75 7.74 27.32
C PHE D 146 -5.10 6.43 27.70
N VAL D 147 -4.58 5.70 26.71
CA VAL D 147 -3.98 4.39 26.98
C VAL D 147 -2.78 4.53 27.90
N GLU D 148 -1.96 5.56 27.65
CA GLU D 148 -0.83 5.83 28.53
C GLU D 148 -1.29 6.01 29.97
N PHE D 149 -2.39 6.75 30.18
CA PHE D 149 -2.87 7.02 31.52
C PHE D 149 -3.26 5.73 32.25
N PHE D 150 -4.07 4.90 31.60
CA PHE D 150 -4.66 3.72 32.22
C PHE D 150 -4.01 2.42 31.75
N HIS D 151 -2.68 2.37 31.68
CA HIS D 151 -2.03 1.14 31.24
C HIS D 151 -1.61 0.32 32.45
#